data_6EF9
#
_entry.id   6EF9
#
_cell.length_a   92.083
_cell.length_b   92.083
_cell.length_c   143.928
_cell.angle_alpha   90.00
_cell.angle_beta   90.00
_cell.angle_gamma   120.00
#
_symmetry.space_group_name_H-M   'H 3 2'
#
loop_
_entity.id
_entity.type
_entity.pdbx_description
1 polymer 'Platelet binding protein GspB - Siglec domain'
2 non-polymer 'SODIUM ION'
3 non-polymer 'FORMIC ACID'
4 water water
#
_entity_poly.entity_id   1
_entity_poly.type   'polypeptide(L)'
_entity_poly.pdbx_seq_one_letter_code
;GPGSDTERPVVNVPSEITVYRGESFEYFATVTDNSNAFDLAKTVVRWLYSNQPGRGTEWLQYSVTQVGNQLKVRIFGNVP
IDTTIGDYTRYVVATDAAGNVNATQTEMGNAAVDKTSVNGQFKLIIR
;
_entity_poly.pdbx_strand_id   A
#
# COMPACT_ATOMS: atom_id res chain seq x y z
N THR A 6 18.85 -5.96 5.02
CA THR A 6 19.43 -4.84 4.29
C THR A 6 19.15 -4.93 2.79
N GLU A 7 18.85 -6.13 2.32
CA GLU A 7 18.54 -6.31 0.91
C GLU A 7 17.08 -6.03 0.59
N ARG A 8 16.21 -5.81 1.61
CA ARG A 8 14.80 -5.62 1.30
C ARG A 8 14.48 -4.16 0.97
N PRO A 9 13.54 -3.90 0.07
CA PRO A 9 13.10 -2.52 -0.16
C PRO A 9 12.31 -2.00 1.04
N VAL A 10 12.21 -0.67 1.13
CA VAL A 10 11.61 0.01 2.28
C VAL A 10 10.55 0.99 1.79
N VAL A 11 9.33 0.81 2.24
CA VAL A 11 8.24 1.76 1.96
C VAL A 11 8.16 2.80 3.06
N ASN A 12 7.90 4.05 2.67
CA ASN A 12 7.43 5.09 3.57
C ASN A 12 6.04 5.48 3.09
N VAL A 13 5.05 5.31 3.97
CA VAL A 13 3.66 5.58 3.62
C VAL A 13 3.01 6.33 4.78
N PRO A 14 2.07 7.24 4.49
CA PRO A 14 1.35 7.87 5.61
C PRO A 14 0.68 6.79 6.45
N SER A 15 0.83 6.87 7.77
CA SER A 15 0.31 5.80 8.63
C SER A 15 -1.21 5.73 8.59
N GLU A 16 -1.87 6.87 8.39
CA GLU A 16 -3.33 6.94 8.32
C GLU A 16 -3.71 7.77 7.11
N ILE A 17 -4.38 7.13 6.14
CA ILE A 17 -4.88 7.77 4.94
C ILE A 17 -6.38 7.97 5.12
N THR A 18 -6.81 9.24 5.26
CA THR A 18 -8.22 9.58 5.46
C THR A 18 -8.86 10.05 4.16
N VAL A 19 -10.01 9.46 3.84
CA VAL A 19 -10.77 9.79 2.65
C VAL A 19 -12.20 10.08 3.09
N TYR A 20 -12.92 10.84 2.24
CA TYR A 20 -14.28 11.28 2.55
C TYR A 20 -15.25 10.88 1.45
N ARG A 21 -16.46 10.47 1.88
CA ARG A 21 -17.53 10.11 0.97
C ARG A 21 -17.84 11.25 0.01
N GLY A 22 -18.01 10.92 -1.28
CA GLY A 22 -18.30 11.91 -2.30
C GLY A 22 -17.12 12.74 -2.74
N GLU A 23 -15.92 12.43 -2.27
CA GLU A 23 -14.72 13.17 -2.62
C GLU A 23 -13.71 12.21 -3.24
N SER A 24 -12.81 12.79 -4.04
CA SER A 24 -11.61 12.07 -4.46
C SER A 24 -10.50 12.26 -3.41
N PHE A 25 -9.39 11.53 -3.60
CA PHE A 25 -8.22 11.66 -2.75
C PHE A 25 -6.98 11.34 -3.57
N GLU A 26 -5.82 11.82 -3.11
CA GLU A 26 -4.57 11.65 -3.85
C GLU A 26 -3.40 11.82 -2.85
N TYR A 27 -2.96 10.68 -2.32
CA TYR A 27 -1.87 10.58 -1.34
C TYR A 27 -0.66 9.96 -2.03
N PHE A 28 0.52 10.06 -1.40
CA PHE A 28 1.75 9.50 -1.96
C PHE A 28 2.52 8.71 -0.92
N ALA A 29 3.15 7.63 -1.38
CA ALA A 29 4.13 6.84 -0.66
C ALA A 29 5.41 6.77 -1.49
N THR A 30 6.50 6.37 -0.86
CA THR A 30 7.81 6.29 -1.50
C THR A 30 8.43 4.91 -1.21
N VAL A 31 9.15 4.36 -2.18
CA VAL A 31 9.92 3.15 -1.97
C VAL A 31 11.39 3.45 -2.26
N THR A 32 12.28 3.00 -1.35
CA THR A 32 13.72 3.03 -1.58
C THR A 32 14.27 1.60 -1.56
N ASP A 33 15.42 1.41 -2.17
CA ASP A 33 16.12 0.12 -2.16
C ASP A 33 17.61 0.38 -2.36
N ASN A 34 18.43 -0.46 -1.73
CA ASN A 34 19.91 -0.35 -1.85
C ASN A 34 20.34 -0.65 -3.29
N SER A 35 19.59 -1.43 -4.07
CA SER A 35 19.92 -1.73 -5.50
C SER A 35 19.54 -0.62 -6.47
N ASN A 36 18.70 0.34 -6.02
CA ASN A 36 18.16 1.40 -6.87
C ASN A 36 17.24 0.92 -7.97
N ALA A 37 16.83 -0.35 -7.94
CA ALA A 37 16.11 -0.95 -9.04
C ALA A 37 14.95 -1.79 -8.49
N PHE A 38 13.84 -1.80 -9.23
CA PHE A 38 12.56 -2.31 -8.71
C PHE A 38 11.88 -3.19 -9.74
N ASP A 39 10.97 -4.02 -9.24
CA ASP A 39 9.99 -4.72 -10.08
C ASP A 39 8.68 -3.94 -9.92
N LEU A 40 8.44 -3.00 -10.84
CA LEU A 40 7.25 -2.15 -10.71
C LEU A 40 5.96 -2.94 -10.88
N ALA A 41 5.98 -4.03 -11.68
CA ALA A 41 4.78 -4.84 -11.87
C ALA A 41 4.40 -5.61 -10.61
N LYS A 42 5.35 -5.82 -9.70
CA LYS A 42 5.11 -6.51 -8.44
CA LYS A 42 5.11 -6.51 -8.44
C LYS A 42 5.14 -5.57 -7.24
N THR A 43 4.90 -4.28 -7.47
CA THR A 43 4.75 -3.30 -6.42
C THR A 43 3.30 -2.84 -6.44
N VAL A 44 2.58 -3.08 -5.34
CA VAL A 44 1.12 -2.99 -5.33
C VAL A 44 0.62 -2.34 -4.05
N VAL A 45 -0.65 -1.90 -4.08
CA VAL A 45 -1.40 -1.52 -2.89
C VAL A 45 -2.60 -2.48 -2.81
N ARG A 46 -2.78 -3.16 -1.67
CA ARG A 46 -3.72 -4.27 -1.57
C ARG A 46 -4.24 -4.39 -0.14
N TRP A 47 -5.36 -5.12 0.01
CA TRP A 47 -5.73 -5.64 1.32
C TRP A 47 -4.97 -6.94 1.64
N LEU A 48 -5.23 -7.48 2.82
CA LEU A 48 -4.45 -8.62 3.31
C LEU A 48 -4.60 -9.85 2.42
N TYR A 49 -5.84 -10.19 2.03
CA TYR A 49 -6.15 -11.57 1.64
C TYR A 49 -5.77 -11.89 0.21
N SER A 50 -5.80 -10.89 -0.68
CA SER A 50 -5.53 -11.11 -2.11
C SER A 50 -4.94 -9.83 -2.67
N ASN A 51 -4.38 -9.95 -3.88
CA ASN A 51 -3.77 -8.82 -4.57
C ASN A 51 -4.85 -8.00 -5.26
N GLN A 52 -5.66 -7.34 -4.43
CA GLN A 52 -6.85 -6.61 -4.84
C GLN A 52 -7.05 -5.45 -3.87
N PRO A 53 -7.87 -4.46 -4.23
CA PRO A 53 -8.06 -3.30 -3.34
C PRO A 53 -8.82 -3.60 -2.08
N GLY A 54 -9.72 -4.59 -2.10
CA GLY A 54 -10.35 -5.09 -0.89
C GLY A 54 -11.82 -4.74 -0.77
N ARG A 55 -12.55 -5.66 -0.15
CA ARG A 55 -13.97 -5.37 0.18
CA ARG A 55 -14.04 -5.41 0.09
C ARG A 55 -14.18 -4.14 1.08
N GLY A 56 -15.08 -3.27 0.65
CA GLY A 56 -15.29 -1.99 1.30
C GLY A 56 -14.42 -0.87 0.77
N THR A 57 -13.40 -1.19 -0.01
CA THR A 57 -12.52 -0.19 -0.60
C THR A 57 -12.20 -0.54 -2.05
N GLU A 58 -13.21 -0.95 -2.81
CA GLU A 58 -13.00 -1.46 -4.15
C GLU A 58 -12.52 -0.37 -5.11
N TRP A 59 -12.77 0.88 -4.75
CA TRP A 59 -12.41 2.11 -5.46
C TRP A 59 -10.98 2.58 -5.16
N LEU A 60 -10.22 1.84 -4.34
CA LEU A 60 -8.84 2.21 -4.04
C LEU A 60 -7.95 1.90 -5.23
N GLN A 61 -7.27 2.91 -5.76
CA GLN A 61 -6.38 2.77 -6.91
C GLN A 61 -4.96 3.19 -6.56
N TYR A 62 -4.02 2.75 -7.40
CA TYR A 62 -2.63 3.16 -7.22
C TYR A 62 -1.91 3.18 -8.56
N SER A 63 -0.79 3.89 -8.59
CA SER A 63 0.12 3.87 -9.72
C SER A 63 1.55 3.94 -9.21
N VAL A 64 2.47 3.37 -9.96
CA VAL A 64 3.88 3.26 -9.56
C VAL A 64 4.75 3.92 -10.64
N THR A 65 5.64 4.84 -10.21
CA THR A 65 6.51 5.58 -11.12
C THR A 65 7.93 5.53 -10.57
N GLN A 66 8.93 5.32 -11.43
CA GLN A 66 10.31 5.43 -11.02
C GLN A 66 10.77 6.88 -11.13
N VAL A 67 11.28 7.42 -10.03
CA VAL A 67 11.84 8.77 -9.97
C VAL A 67 13.26 8.61 -9.47
N GLY A 68 14.24 8.73 -10.37
CA GLY A 68 15.61 8.52 -9.95
C GLY A 68 15.81 7.11 -9.43
N ASN A 69 16.32 7.00 -8.20
CA ASN A 69 16.58 5.70 -7.57
C ASN A 69 15.45 5.21 -6.67
N GLN A 70 14.28 5.83 -6.73
N GLN A 70 14.29 5.86 -6.69
CA GLN A 70 13.17 5.53 -5.83
CA GLN A 70 13.16 5.52 -5.82
C GLN A 70 11.88 5.33 -6.64
C GLN A 70 11.90 5.29 -6.65
N LEU A 71 10.87 4.78 -5.97
CA LEU A 71 9.52 4.70 -6.53
C LEU A 71 8.60 5.72 -5.85
N LYS A 72 7.82 6.41 -6.67
CA LYS A 72 6.69 7.25 -6.28
C LYS A 72 5.43 6.41 -6.46
N VAL A 73 4.71 6.18 -5.36
CA VAL A 73 3.47 5.40 -5.38
C VAL A 73 2.32 6.36 -5.09
N ARG A 74 1.49 6.60 -6.09
CA ARG A 74 0.31 7.45 -5.96
C ARG A 74 -0.86 6.59 -5.53
N ILE A 75 -1.56 6.99 -4.47
CA ILE A 75 -2.65 6.22 -3.86
C ILE A 75 -3.88 7.13 -3.96
N PHE A 76 -4.87 6.74 -4.78
CA PHE A 76 -5.87 7.70 -5.23
C PHE A 76 -7.19 7.00 -5.52
N GLY A 77 -8.23 7.80 -5.69
CA GLY A 77 -9.52 7.24 -6.09
C GLY A 77 -10.64 8.23 -5.87
N ASN A 78 -11.86 7.79 -6.21
CA ASN A 78 -13.10 8.52 -5.99
C ASN A 78 -13.96 7.71 -5.04
N VAL A 79 -14.32 8.28 -3.90
CA VAL A 79 -15.08 7.55 -2.86
C VAL A 79 -16.56 7.78 -3.12
N PRO A 80 -17.36 6.73 -3.41
CA PRO A 80 -18.80 6.93 -3.60
C PRO A 80 -19.47 7.52 -2.37
N ILE A 81 -20.52 8.31 -2.60
CA ILE A 81 -21.20 9.00 -1.51
C ILE A 81 -21.80 8.01 -0.51
N ASP A 82 -22.15 6.81 -0.96
CA ASP A 82 -22.83 5.76 -0.19
C ASP A 82 -21.88 4.74 0.44
N THR A 83 -20.57 4.96 0.36
CA THR A 83 -19.59 4.03 0.91
C THR A 83 -19.78 3.90 2.42
N THR A 84 -19.60 2.70 2.93
CA THR A 84 -19.67 2.49 4.37
C THR A 84 -18.45 3.11 5.07
N ILE A 85 -18.71 3.87 6.14
CA ILE A 85 -17.59 4.48 6.88
C ILE A 85 -16.87 3.43 7.71
N GLY A 86 -15.64 3.75 8.09
CA GLY A 86 -14.91 2.89 9.00
C GLY A 86 -13.45 2.84 8.65
N ASP A 87 -12.75 1.92 9.31
CA ASP A 87 -11.30 1.83 9.26
C ASP A 87 -10.91 0.48 8.67
N TYR A 88 -9.92 0.49 7.79
CA TYR A 88 -9.43 -0.70 7.14
C TYR A 88 -7.91 -0.73 7.14
N THR A 89 -7.33 -1.92 7.29
CA THR A 89 -5.89 -2.06 7.15
C THR A 89 -5.56 -2.42 5.70
N ARG A 90 -4.61 -1.70 5.10
CA ARG A 90 -4.15 -1.94 3.74
C ARG A 90 -2.63 -1.92 3.73
N TYR A 91 -2.04 -2.30 2.59
CA TYR A 91 -0.61 -2.58 2.53
C TYR A 91 -0.02 -2.09 1.21
N VAL A 92 1.12 -1.40 1.30
CA VAL A 92 1.98 -1.20 0.14
C VAL A 92 3.01 -2.33 0.18
N VAL A 93 2.98 -3.20 -0.83
CA VAL A 93 3.91 -4.32 -0.95
C VAL A 93 4.80 -4.03 -2.14
N ALA A 94 6.09 -3.84 -1.88
CA ALA A 94 7.06 -3.47 -2.89
C ALA A 94 8.06 -4.59 -3.13
N THR A 95 8.51 -4.69 -4.37
CA THR A 95 9.46 -5.71 -4.80
C THR A 95 10.63 -5.02 -5.50
N ASP A 96 11.86 -5.36 -5.10
CA ASP A 96 13.03 -4.86 -5.81
C ASP A 96 13.29 -5.70 -7.07
N ALA A 97 14.24 -5.26 -7.88
CA ALA A 97 14.47 -5.96 -9.15
C ALA A 97 14.90 -7.40 -8.93
N ALA A 98 15.59 -7.68 -7.82
CA ALA A 98 16.03 -9.04 -7.49
C ALA A 98 14.92 -9.92 -6.93
N GLY A 99 13.74 -9.37 -6.66
CA GLY A 99 12.63 -10.15 -6.14
C GLY A 99 12.47 -10.10 -4.63
N ASN A 100 13.29 -9.34 -3.91
CA ASN A 100 13.06 -9.18 -2.49
C ASN A 100 11.85 -8.28 -2.24
N VAL A 101 11.12 -8.54 -1.17
CA VAL A 101 9.92 -7.79 -0.82
C VAL A 101 10.09 -7.10 0.53
N ASN A 102 9.37 -6.00 0.72
CA ASN A 102 9.40 -5.33 2.02
C ASN A 102 8.68 -6.16 3.09
N ALA A 103 7.62 -6.87 2.70
CA ALA A 103 6.83 -7.68 3.63
C ALA A 103 6.33 -8.88 2.85
N THR A 104 6.44 -10.07 3.46
CA THR A 104 5.88 -11.29 2.88
C THR A 104 4.45 -11.49 3.37
N GLN A 105 3.70 -12.34 2.65
CA GLN A 105 2.34 -12.66 3.09
C GLN A 105 2.32 -13.32 4.47
N THR A 106 3.30 -14.16 4.78
CA THR A 106 3.35 -14.74 6.13
C THR A 106 3.54 -13.65 7.18
N GLU A 107 4.46 -12.72 6.94
CA GLU A 107 4.66 -11.62 7.88
C GLU A 107 3.39 -10.81 8.05
N MET A 108 2.69 -10.55 6.94
CA MET A 108 1.44 -9.81 7.00
C MET A 108 0.38 -10.54 7.81
N GLY A 109 0.23 -11.85 7.58
CA GLY A 109 -0.77 -12.62 8.31
C GLY A 109 -0.48 -12.68 9.80
N ASN A 110 0.79 -12.89 10.17
CA ASN A 110 1.14 -12.90 11.59
C ASN A 110 0.88 -11.56 12.24
N ALA A 111 1.19 -10.48 11.54
CA ALA A 111 0.93 -9.16 12.11
C ALA A 111 -0.56 -8.92 12.29
N ALA A 112 -1.38 -9.37 11.34
CA ALA A 112 -2.82 -9.11 11.43
C ALA A 112 -3.43 -9.84 12.62
N VAL A 113 -2.98 -11.07 12.89
CA VAL A 113 -3.52 -11.84 14.00
C VAL A 113 -3.00 -11.28 15.32
N ASP A 114 -1.72 -10.94 15.38
CA ASP A 114 -1.11 -10.44 16.60
C ASP A 114 -1.41 -8.97 16.87
N LYS A 115 -2.00 -8.25 15.91
CA LYS A 115 -2.23 -6.82 16.05
C LYS A 115 -0.91 -6.07 16.16
N THR A 116 0.05 -6.48 15.33
CA THR A 116 1.37 -5.82 15.14
C THR A 116 1.48 -5.31 13.69
N SER A 117 2.57 -4.89 13.28
N SER A 117 2.64 -4.81 13.32
CA SER A 117 2.66 -4.19 11.99
CA SER A 117 2.70 -4.12 12.01
C SER A 117 3.83 -4.68 11.15
C SER A 117 3.88 -4.59 11.16
N VAL A 118 3.75 -4.40 9.86
CA VAL A 118 4.85 -4.67 8.89
C VAL A 118 5.13 -3.38 8.12
N ASN A 119 6.30 -3.27 7.56
CA ASN A 119 6.62 -2.13 6.70
C ASN A 119 5.59 -2.04 5.58
N GLY A 120 5.14 -0.82 5.32
CA GLY A 120 4.16 -0.55 4.28
C GLY A 120 2.71 -0.67 4.69
N GLN A 121 2.43 -1.14 5.90
CA GLN A 121 1.06 -1.23 6.39
C GLN A 121 0.53 0.16 6.74
N PHE A 122 -0.75 0.41 6.43
CA PHE A 122 -1.38 1.67 6.78
C PHE A 122 -2.87 1.45 7.06
N LYS A 123 -3.48 2.44 7.70
CA LYS A 123 -4.91 2.46 7.96
C LYS A 123 -5.57 3.38 6.94
N LEU A 124 -6.62 2.89 6.31
CA LEU A 124 -7.45 3.65 5.38
C LEU A 124 -8.76 3.94 6.10
N ILE A 125 -9.05 5.21 6.34
CA ILE A 125 -10.18 5.63 7.17
C ILE A 125 -11.16 6.36 6.26
N ILE A 126 -12.41 5.90 6.23
CA ILE A 126 -13.46 6.53 5.45
C ILE A 126 -14.35 7.32 6.39
N ARG A 127 -14.52 8.60 6.10
CA ARG A 127 -15.39 9.51 6.87
C ARG A 127 -16.49 10.09 6.02
#